data_6QHU
#
_entry.id   6QHU
#
_cell.length_a   41.370
_cell.length_b   78.630
_cell.length_c   83.540
_cell.angle_alpha   90.00
_cell.angle_beta   102.74
_cell.angle_gamma   90.00
#
_symmetry.space_group_name_H-M   'P 1 21 1'
#
loop_
_entity.id
_entity.type
_entity.pdbx_description
1 polymer 'Fluoroacetate dehalogenase'
2 non-polymer 'fluoroacetic acid'
3 water water
#
_entity_poly.entity_id   1
_entity_poly.type   'polypeptide(L)'
_entity_poly.pdbx_seq_one_letter_code
;GHMPDLADLFPGFGSEWINTSSGRIFARVGGDGPPLLLLHGFPQTHVMWHRVAPKLAERFKVIVADLPGYGWSDMPESDE
QHTPYTKRAMAKQLIEAMEQLGHVHFALAGHDRGARVSYRLALDSPGRLSKLAVLDILPTYEYWQRMNRAYALKIYHWSF
LAQPAPLPENLLGGDPDFYVKAKLASWTRAGDLSAFDPRAVEHYRIAFADPMRRHVMCEDYRAGAYADFEHDKIDVEAGN
KIPVPMLALWGASGIAQSAATPLDVWRKWASDVQGAPIESGHFLPEEAPDQTAEALVRFFSAAPGS
;
_entity_poly.pdbx_strand_id   A,B
#
loop_
_chem_comp.id
_chem_comp.type
_chem_comp.name
_chem_comp.formula
FAH non-polymer 'fluoroacetic acid' 'C2 H3 F O2'
#
# COMPACT_ATOMS: atom_id res chain seq x y z
N LEU A 6 0.16 -20.73 -25.72
CA LEU A 6 0.25 -21.09 -24.30
C LEU A 6 0.31 -22.61 -24.12
N ALA A 7 1.18 -23.06 -23.23
CA ALA A 7 1.42 -24.48 -23.13
C ALA A 7 0.31 -25.19 -22.37
N ASP A 8 0.08 -26.45 -22.75
CA ASP A 8 -0.79 -27.33 -21.99
C ASP A 8 0.07 -27.99 -20.93
N LEU A 9 -0.11 -27.57 -19.68
CA LEU A 9 0.65 -28.02 -18.55
C LEU A 9 -0.01 -29.17 -17.81
N PHE A 10 -1.11 -29.69 -18.33
CA PHE A 10 -1.87 -30.74 -17.67
C PHE A 10 -2.08 -31.85 -18.68
N PRO A 11 -1.02 -32.54 -19.08
CA PRO A 11 -1.15 -33.55 -20.12
C PRO A 11 -2.22 -34.57 -19.74
N GLY A 12 -3.18 -34.77 -20.65
CA GLY A 12 -4.24 -35.72 -20.42
C GLY A 12 -5.40 -35.21 -19.61
N PHE A 13 -5.32 -33.99 -19.06
CA PHE A 13 -6.45 -33.41 -18.36
C PHE A 13 -7.41 -32.88 -19.39
N GLY A 14 -8.70 -33.04 -19.13
CA GLY A 14 -9.69 -32.41 -19.96
C GLY A 14 -9.79 -30.94 -19.65
N SER A 15 -10.61 -30.26 -20.43
CA SER A 15 -10.86 -28.83 -20.33
C SER A 15 -12.36 -28.69 -20.24
N GLU A 16 -12.82 -28.01 -19.22
CA GLU A 16 -14.24 -27.80 -19.03
C GLU A 16 -14.48 -26.30 -18.94
N TRP A 17 -15.53 -25.85 -19.60
CA TRP A 17 -16.08 -24.52 -19.41
C TRP A 17 -17.38 -24.71 -18.65
N ILE A 18 -17.41 -24.38 -17.38
CA ILE A 18 -18.57 -24.68 -16.56
C ILE A 18 -19.44 -23.43 -16.46
N ASN A 19 -20.67 -23.51 -16.93
CA ASN A 19 -21.57 -22.36 -16.79
C ASN A 19 -22.01 -22.21 -15.36
N THR A 20 -22.01 -20.97 -14.89
CA THR A 20 -22.67 -20.65 -13.66
C THR A 20 -23.48 -19.41 -13.89
N SER A 21 -24.26 -19.06 -12.89
CA SER A 21 -25.07 -17.86 -13.01
CA SER A 21 -25.07 -17.85 -12.98
C SER A 21 -24.21 -16.60 -13.10
N SER A 22 -22.94 -16.67 -12.69
CA SER A 22 -22.09 -15.49 -12.66
C SER A 22 -21.02 -15.54 -13.71
N GLY A 23 -21.12 -16.48 -14.64
CA GLY A 23 -20.14 -16.64 -15.70
C GLY A 23 -19.51 -18.02 -15.70
N ARG A 24 -18.81 -18.28 -16.77
CA ARG A 24 -18.18 -19.59 -16.92
CA ARG A 24 -18.19 -19.59 -16.91
CA ARG A 24 -18.18 -19.59 -16.92
C ARG A 24 -16.93 -19.66 -16.08
N ILE A 25 -16.67 -20.84 -15.58
CA ILE A 25 -15.50 -21.20 -14.82
C ILE A 25 -14.74 -22.11 -15.73
N PHE A 26 -13.50 -21.74 -16.00
CA PHE A 26 -12.67 -22.63 -16.74
C PHE A 26 -12.00 -23.62 -15.78
N ALA A 27 -11.93 -24.88 -16.18
CA ALA A 27 -11.20 -25.80 -15.34
C ALA A 27 -10.55 -26.86 -16.21
N ARG A 28 -9.39 -27.31 -15.76
CA ARG A 28 -8.83 -28.56 -16.25
C ARG A 28 -9.33 -29.65 -15.33
N VAL A 29 -9.64 -30.82 -15.87
CA VAL A 29 -10.25 -31.87 -15.08
C VAL A 29 -9.48 -33.13 -15.41
N GLY A 30 -9.02 -33.81 -14.41
CA GLY A 30 -8.35 -35.07 -14.71
C GLY A 30 -8.42 -35.96 -13.50
N GLY A 31 -8.09 -37.23 -13.70
CA GLY A 31 -8.12 -38.17 -12.61
C GLY A 31 -9.47 -38.85 -12.46
N ASP A 32 -9.61 -39.53 -11.34
CA ASP A 32 -10.84 -40.22 -11.00
CA ASP A 32 -10.86 -40.16 -11.00
C ASP A 32 -10.79 -40.43 -9.51
N GLY A 33 -11.94 -40.64 -8.92
CA GLY A 33 -12.00 -40.81 -7.51
C GLY A 33 -12.78 -39.62 -6.99
N PRO A 34 -12.68 -39.38 -5.69
CA PRO A 34 -13.45 -38.32 -5.09
C PRO A 34 -13.03 -36.99 -5.68
N PRO A 35 -13.93 -36.03 -5.72
CA PRO A 35 -13.64 -34.81 -6.49
C PRO A 35 -12.83 -33.87 -5.60
N LEU A 36 -11.85 -33.25 -6.20
CA LEU A 36 -10.96 -32.36 -5.49
C LEU A 36 -10.88 -31.11 -6.33
N LEU A 37 -11.31 -30.01 -5.76
CA LEU A 37 -11.28 -28.74 -6.46
C LEU A 37 -10.01 -28.04 -6.00
N LEU A 38 -9.21 -27.58 -6.94
CA LEU A 38 -8.00 -26.81 -6.64
C LEU A 38 -8.19 -25.38 -7.12
N LEU A 39 -7.90 -24.42 -6.26
CA LEU A 39 -8.12 -23.04 -6.60
C LEU A 39 -6.80 -22.32 -6.45
N HIS A 40 -6.40 -21.60 -7.48
CA HIS A 40 -5.20 -20.81 -7.46
C HIS A 40 -5.47 -19.46 -6.79
N GLY A 41 -4.45 -18.64 -6.78
CA GLY A 41 -4.60 -17.29 -6.29
C GLY A 41 -3.95 -16.31 -7.26
N PHE A 42 -3.47 -15.21 -6.70
CA PHE A 42 -2.96 -14.06 -7.41
C PHE A 42 -1.44 -14.08 -7.39
N PRO A 43 -0.79 -13.76 -8.49
CA PRO A 43 -1.36 -13.33 -9.77
C PRO A 43 -1.27 -14.51 -10.72
N GLN A 44 -1.95 -15.56 -10.37
CA GLN A 44 -1.76 -16.80 -11.07
C GLN A 44 -3.08 -17.25 -11.70
N THR A 45 -3.05 -18.45 -12.23
CA THR A 45 -4.22 -19.05 -12.80
C THR A 45 -4.18 -20.51 -12.40
N HIS A 46 -5.13 -21.29 -12.88
CA HIS A 46 -5.17 -22.69 -12.49
C HIS A 46 -3.87 -23.41 -12.81
N VAL A 47 -3.05 -22.89 -13.73
CA VAL A 47 -1.88 -23.66 -14.11
C VAL A 47 -0.86 -23.76 -13.00
N MET A 48 -0.94 -22.95 -11.94
CA MET A 48 0.03 -23.11 -10.83
C MET A 48 -0.06 -24.49 -10.20
N TRP A 49 -1.12 -25.24 -10.50
CA TRP A 49 -1.21 -26.56 -9.92
C TRP A 49 -0.56 -27.63 -10.77
N HIS A 50 0.07 -27.25 -11.85
CA HIS A 50 0.44 -28.23 -12.89
C HIS A 50 1.48 -29.21 -12.41
N ARG A 51 2.21 -28.87 -11.38
CA ARG A 51 3.20 -29.79 -10.86
C ARG A 51 2.63 -30.71 -9.79
N VAL A 52 1.55 -30.34 -9.12
CA VAL A 52 0.98 -31.25 -8.15
C VAL A 52 -0.26 -31.94 -8.65
N ALA A 53 -1.00 -31.35 -9.58
CA ALA A 53 -2.25 -31.96 -9.99
C ALA A 53 -2.09 -33.36 -10.56
N PRO A 54 -1.06 -33.68 -11.36
CA PRO A 54 -0.89 -35.07 -11.81
C PRO A 54 -0.85 -36.07 -10.66
N LYS A 55 -0.07 -35.75 -9.61
CA LYS A 55 -0.01 -36.62 -8.45
C LYS A 55 -1.36 -36.78 -7.79
N LEU A 56 -2.09 -35.66 -7.64
CA LEU A 56 -3.43 -35.73 -7.09
C LEU A 56 -4.35 -36.55 -7.99
N ALA A 57 -4.19 -36.41 -9.30
CA ALA A 57 -5.10 -37.04 -10.23
C ALA A 57 -4.94 -38.56 -10.21
N GLU A 58 -3.91 -39.08 -9.54
CA GLU A 58 -3.82 -40.52 -9.39
C GLU A 58 -4.86 -41.06 -8.43
N ARG A 59 -5.37 -40.20 -7.56
CA ARG A 59 -6.23 -40.61 -6.47
C ARG A 59 -7.54 -39.90 -6.45
N PHE A 60 -7.64 -38.75 -7.11
CA PHE A 60 -8.81 -37.91 -7.03
C PHE A 60 -9.21 -37.49 -8.41
N LYS A 61 -10.50 -37.21 -8.58
CA LYS A 61 -10.96 -36.42 -9.71
C LYS A 61 -10.58 -34.98 -9.43
N VAL A 62 -9.63 -34.46 -10.16
CA VAL A 62 -9.03 -33.20 -9.81
C VAL A 62 -9.57 -32.18 -10.76
N ILE A 63 -10.22 -31.18 -10.21
CA ILE A 63 -10.77 -30.08 -10.98
CA ILE A 63 -10.76 -30.08 -10.99
C ILE A 63 -9.93 -28.85 -10.68
N VAL A 64 -9.27 -28.32 -11.71
CA VAL A 64 -8.29 -27.26 -11.51
C VAL A 64 -8.90 -26.03 -12.16
N ALA A 65 -9.47 -25.17 -11.34
CA ALA A 65 -10.37 -24.16 -11.86
C ALA A 65 -9.70 -22.82 -11.79
N ASP A 66 -9.93 -22.01 -12.81
CA ASP A 66 -9.65 -20.60 -12.70
C ASP A 66 -10.72 -19.95 -11.84
N LEU A 67 -10.28 -19.07 -10.94
CA LEU A 67 -11.21 -18.35 -10.10
C LEU A 67 -12.12 -17.51 -10.99
N PRO A 68 -13.33 -17.20 -10.51
CA PRO A 68 -14.17 -16.20 -11.20
C PRO A 68 -13.30 -15.00 -11.51
N GLY A 69 -13.33 -14.56 -12.77
CA GLY A 69 -12.59 -13.36 -13.15
C GLY A 69 -11.15 -13.60 -13.49
N TYR A 70 -10.57 -14.75 -13.15
CA TYR A 70 -9.16 -15.00 -13.40
C TYR A 70 -8.99 -15.96 -14.56
N GLY A 71 -7.82 -15.93 -15.17
CA GLY A 71 -7.49 -16.96 -16.13
C GLY A 71 -8.42 -16.85 -17.30
N TRP A 72 -9.05 -17.96 -17.59
CA TRP A 72 -10.02 -18.05 -18.66
C TRP A 72 -11.42 -18.11 -18.14
N SER A 73 -11.63 -17.95 -16.84
CA SER A 73 -12.98 -17.84 -16.36
C SER A 73 -13.57 -16.52 -16.78
N ASP A 74 -14.89 -16.49 -16.93
CA ASP A 74 -15.49 -15.21 -17.25
C ASP A 74 -15.28 -14.21 -16.13
N MET A 75 -15.40 -12.94 -16.52
CA MET A 75 -15.24 -11.86 -15.56
C MET A 75 -16.57 -11.21 -15.35
N PRO A 76 -17.29 -11.52 -14.27
CA PRO A 76 -18.51 -10.77 -13.96
C PRO A 76 -18.20 -9.32 -13.77
N GLU A 77 -19.13 -8.43 -14.19
CA GLU A 77 -18.93 -7.02 -13.92
C GLU A 77 -19.05 -6.81 -12.42
N SER A 78 -18.15 -6.03 -11.90
CA SER A 78 -18.15 -5.80 -10.48
C SER A 78 -19.12 -4.66 -10.16
N ASP A 79 -19.09 -4.20 -8.94
CA ASP A 79 -19.97 -3.12 -8.53
C ASP A 79 -19.28 -2.41 -7.40
N GLU A 80 -19.98 -1.44 -6.80
CA GLU A 80 -19.28 -0.61 -5.84
C GLU A 80 -18.85 -1.41 -4.63
N GLN A 81 -19.49 -2.54 -4.37
CA GLN A 81 -19.10 -3.37 -3.26
C GLN A 81 -18.21 -4.53 -3.67
N HIS A 82 -17.84 -4.59 -4.95
CA HIS A 82 -16.92 -5.59 -5.45
C HIS A 82 -17.52 -6.96 -5.30
N THR A 83 -18.83 -7.01 -5.34
CA THR A 83 -19.52 -8.21 -4.91
C THR A 83 -19.05 -9.50 -5.57
N PRO A 84 -18.96 -9.60 -6.90
CA PRO A 84 -18.62 -10.91 -7.50
C PRO A 84 -17.22 -11.33 -7.16
N TYR A 85 -16.41 -10.40 -6.65
CA TYR A 85 -15.04 -10.77 -6.34
C TYR A 85 -14.82 -10.92 -4.85
N THR A 86 -15.86 -10.76 -4.06
CA THR A 86 -15.79 -11.21 -2.68
C THR A 86 -15.66 -12.72 -2.69
N LYS A 87 -14.98 -13.23 -1.67
CA LYS A 87 -14.76 -14.66 -1.60
C LYS A 87 -16.07 -15.38 -1.37
N ARG A 88 -16.98 -14.73 -0.65
CA ARG A 88 -18.32 -15.32 -0.48
C ARG A 88 -18.98 -15.55 -1.82
N ALA A 89 -18.92 -14.56 -2.70
CA ALA A 89 -19.54 -14.70 -4.01
C ALA A 89 -18.79 -15.73 -4.83
N MET A 90 -17.45 -15.62 -4.86
CA MET A 90 -16.66 -16.59 -5.59
C MET A 90 -16.96 -17.98 -5.12
N ALA A 91 -17.11 -18.16 -3.81
CA ALA A 91 -17.37 -19.48 -3.28
C ALA A 91 -18.72 -19.96 -3.79
N LYS A 92 -19.74 -19.09 -3.74
CA LYS A 92 -21.06 -19.49 -4.25
C LYS A 92 -20.99 -19.85 -5.70
N GLN A 93 -20.20 -19.09 -6.47
CA GLN A 93 -20.10 -19.37 -7.87
C GLN A 93 -19.40 -20.70 -8.12
N LEU A 94 -18.36 -21.00 -7.33
CA LEU A 94 -17.69 -22.27 -7.51
C LEU A 94 -18.53 -23.41 -7.00
N ILE A 95 -19.35 -23.16 -5.99
CA ILE A 95 -20.28 -24.21 -5.58
C ILE A 95 -21.19 -24.54 -6.74
N GLU A 96 -21.69 -23.51 -7.40
CA GLU A 96 -22.58 -23.71 -8.55
CA GLU A 96 -22.58 -23.71 -8.55
C GLU A 96 -21.86 -24.50 -9.66
N ALA A 97 -20.61 -24.10 -9.95
CA ALA A 97 -19.79 -24.79 -10.93
C ALA A 97 -19.65 -26.25 -10.57
N MET A 98 -19.31 -26.54 -9.31
CA MET A 98 -19.13 -27.95 -8.94
C MET A 98 -20.44 -28.70 -9.05
N GLU A 99 -21.54 -28.05 -8.68
CA GLU A 99 -22.85 -28.69 -8.82
CA GLU A 99 -22.84 -28.70 -8.82
C GLU A 99 -23.15 -29.04 -10.27
N GLN A 100 -22.68 -28.22 -11.21
CA GLN A 100 -22.88 -28.49 -12.61
C GLN A 100 -22.21 -29.78 -13.00
N LEU A 101 -21.16 -30.17 -12.28
CA LEU A 101 -20.47 -31.41 -12.53
C LEU A 101 -21.01 -32.53 -11.69
N GLY A 102 -22.06 -32.27 -10.92
CA GLY A 102 -22.55 -33.25 -9.98
C GLY A 102 -21.77 -33.35 -8.70
N HIS A 103 -20.94 -32.34 -8.34
CA HIS A 103 -20.12 -32.45 -7.13
C HIS A 103 -20.72 -31.52 -6.10
N VAL A 104 -21.54 -32.08 -5.22
CA VAL A 104 -22.16 -31.27 -4.17
C VAL A 104 -21.46 -31.43 -2.87
N HIS A 105 -20.46 -32.31 -2.83
CA HIS A 105 -19.69 -32.56 -1.64
C HIS A 105 -18.30 -32.85 -2.15
N PHE A 106 -17.32 -32.02 -1.81
CA PHE A 106 -16.07 -32.25 -2.50
C PHE A 106 -14.92 -31.80 -1.61
N ALA A 107 -13.72 -32.16 -2.03
CA ALA A 107 -12.59 -31.71 -1.29
C ALA A 107 -12.07 -30.47 -1.99
N LEU A 108 -11.37 -29.64 -1.24
CA LEU A 108 -11.04 -28.33 -1.77
C LEU A 108 -9.67 -27.96 -1.24
N ALA A 109 -8.80 -27.57 -2.15
CA ALA A 109 -7.51 -27.06 -1.73
C ALA A 109 -7.38 -25.75 -2.47
N GLY A 110 -6.97 -24.74 -1.75
CA GLY A 110 -6.85 -23.43 -2.33
C GLY A 110 -5.53 -22.83 -1.90
N HIS A 111 -5.03 -21.99 -2.76
CA HIS A 111 -3.80 -21.27 -2.53
C HIS A 111 -4.11 -19.79 -2.65
N ASP A 112 -3.60 -18.99 -1.71
CA ASP A 112 -3.64 -17.55 -1.91
C ASP A 112 -5.11 -17.13 -2.02
N ARG A 113 -5.51 -16.32 -3.02
CA ARG A 113 -6.92 -15.92 -3.11
C ARG A 113 -7.84 -17.11 -3.11
N GLY A 114 -7.43 -18.16 -3.82
CA GLY A 114 -8.23 -19.38 -3.86
C GLY A 114 -8.41 -20.01 -2.50
N ALA A 115 -7.41 -19.88 -1.63
CA ALA A 115 -7.58 -20.37 -0.25
C ALA A 115 -8.56 -19.50 0.52
N ARG A 116 -8.63 -18.22 0.18
CA ARG A 116 -9.60 -17.34 0.79
C ARG A 116 -11.00 -17.71 0.34
N VAL A 117 -11.17 -17.97 -0.95
CA VAL A 117 -12.43 -18.51 -1.41
C VAL A 117 -12.75 -19.78 -0.63
N SER A 118 -11.74 -20.60 -0.42
CA SER A 118 -11.96 -21.90 0.19
C SER A 118 -12.40 -21.77 1.64
N TYR A 119 -11.71 -20.97 2.43
CA TYR A 119 -12.15 -20.98 3.82
C TYR A 119 -13.46 -20.24 3.97
N ARG A 120 -13.75 -19.32 3.06
CA ARG A 120 -15.05 -18.65 3.10
C ARG A 120 -16.14 -19.63 2.67
N LEU A 121 -15.83 -20.45 1.69
CA LEU A 121 -16.75 -21.51 1.31
C LEU A 121 -17.03 -22.41 2.50
N ALA A 122 -15.98 -22.77 3.24
CA ALA A 122 -16.13 -23.67 4.37
C ALA A 122 -16.93 -23.04 5.49
N LEU A 123 -16.81 -21.73 5.69
CA LEU A 123 -17.64 -21.06 6.69
C LEU A 123 -19.09 -20.94 6.22
N ASP A 124 -19.27 -20.57 4.96
CA ASP A 124 -20.62 -20.29 4.47
C ASP A 124 -21.40 -21.57 4.15
N SER A 125 -20.70 -22.59 3.67
CA SER A 125 -21.32 -23.78 3.05
C SER A 125 -20.52 -25.01 3.45
N PRO A 126 -20.36 -25.22 4.73
CA PRO A 126 -19.49 -26.29 5.17
C PRO A 126 -19.94 -27.63 4.69
N GLY A 127 -21.25 -27.79 4.43
CA GLY A 127 -21.75 -29.08 4.00
C GLY A 127 -21.24 -29.47 2.64
N ARG A 128 -20.71 -28.52 1.88
CA ARG A 128 -20.20 -28.81 0.56
C ARG A 128 -18.81 -29.44 0.59
N LEU A 129 -18.12 -29.37 1.71
CA LEU A 129 -16.73 -29.77 1.74
C LEU A 129 -16.56 -31.05 2.53
N SER A 130 -15.82 -31.98 1.97
CA SER A 130 -15.37 -33.12 2.76
C SER A 130 -14.18 -32.72 3.60
N LYS A 131 -13.19 -32.12 2.95
CA LYS A 131 -12.00 -31.64 3.63
C LYS A 131 -11.52 -30.40 2.89
N LEU A 132 -10.78 -29.60 3.59
CA LEU A 132 -10.33 -28.33 3.06
C LEU A 132 -8.84 -28.23 3.30
N ALA A 133 -8.08 -27.76 2.29
CA ALA A 133 -6.69 -27.45 2.51
C ALA A 133 -6.50 -26.01 2.07
N VAL A 134 -5.82 -25.24 2.87
CA VAL A 134 -5.51 -23.87 2.52
CA VAL A 134 -5.53 -23.85 2.58
C VAL A 134 -4.00 -23.70 2.53
N LEU A 135 -3.49 -23.05 1.49
CA LEU A 135 -2.04 -23.02 1.31
C LEU A 135 -1.59 -21.57 1.44
N ASP A 136 -0.75 -21.34 2.42
CA ASP A 136 0.00 -20.14 2.64
C ASP A 136 -0.88 -18.91 2.83
N ILE A 137 -1.93 -19.08 3.60
CA ILE A 137 -2.73 -17.96 3.98
C ILE A 137 -3.07 -18.07 5.45
N LEU A 138 -3.49 -16.95 5.96
CA LEU A 138 -4.32 -16.82 7.14
C LEU A 138 -5.58 -16.15 6.67
N PRO A 139 -6.66 -16.19 7.46
CA PRO A 139 -7.87 -15.50 7.03
C PRO A 139 -7.59 -14.05 6.78
N THR A 140 -8.38 -13.50 5.89
CA THR A 140 -8.25 -12.09 5.54
C THR A 140 -8.39 -11.20 6.74
N TYR A 141 -9.31 -11.53 7.62
CA TYR A 141 -9.39 -10.76 8.85
C TYR A 141 -8.07 -10.72 9.59
N GLU A 142 -7.38 -11.84 9.68
CA GLU A 142 -6.17 -11.86 10.46
C GLU A 142 -5.09 -11.03 9.81
N TYR A 143 -5.02 -11.03 8.48
CA TYR A 143 -4.00 -10.17 7.90
C TYR A 143 -4.28 -8.73 8.25
N TRP A 144 -5.54 -8.34 8.14
CA TRP A 144 -5.82 -6.95 8.39
C TRP A 144 -5.64 -6.62 9.86
N GLN A 145 -6.03 -7.55 10.74
CA GLN A 145 -5.88 -7.30 12.16
C GLN A 145 -4.43 -7.26 12.57
N ARG A 146 -3.54 -7.77 11.74
CA ARG A 146 -2.12 -7.77 12.02
C ARG A 146 -1.38 -6.76 11.18
N MET A 147 -2.09 -5.75 10.71
CA MET A 147 -1.55 -4.77 9.77
C MET A 147 -0.84 -3.65 10.52
N ASN A 148 0.32 -3.99 11.05
CA ASN A 148 1.22 -3.02 11.64
C ASN A 148 2.24 -2.56 10.59
N ARG A 149 3.22 -1.77 11.01
CA ARG A 149 4.20 -1.25 10.07
C ARG A 149 4.88 -2.36 9.29
N ALA A 150 5.33 -3.39 9.99
CA ALA A 150 6.13 -4.41 9.33
C ALA A 150 5.28 -5.13 8.32
N TYR A 151 4.05 -5.46 8.69
CA TYR A 151 3.26 -6.24 7.77
C TYR A 151 2.72 -5.34 6.66
N ALA A 152 2.49 -4.05 6.97
CA ALA A 152 1.97 -3.17 5.92
C ALA A 152 3.02 -3.01 4.86
N LEU A 153 4.28 -3.08 5.26
CA LEU A 153 5.35 -3.05 4.26
C LEU A 153 5.46 -4.37 3.53
N LYS A 154 5.25 -5.50 4.20
CA LYS A 154 5.41 -6.78 3.54
C LYS A 154 4.31 -7.01 2.52
N ILE A 155 3.07 -6.75 2.92
CA ILE A 155 1.99 -7.02 1.99
C ILE A 155 1.35 -5.68 1.65
N TYR A 156 2.19 -4.73 1.27
CA TYR A 156 1.69 -3.45 0.81
C TYR A 156 0.63 -3.62 -0.26
N HIS A 157 0.73 -4.70 -1.03
CA HIS A 157 -0.18 -4.81 -2.16
C HIS A 157 -1.60 -4.97 -1.69
N TRP A 158 -1.80 -5.43 -0.44
CA TRP A 158 -3.17 -5.52 0.06
C TRP A 158 -3.81 -4.15 0.11
N SER A 159 -3.05 -3.13 0.44
N SER A 159 -3.05 -3.12 0.48
CA SER A 159 -3.68 -1.82 0.50
CA SER A 159 -3.61 -1.78 0.54
C SER A 159 -3.54 -1.06 -0.81
C SER A 159 -3.56 -1.10 -0.82
N PHE A 160 -2.48 -1.34 -1.57
CA PHE A 160 -2.30 -0.68 -2.85
C PHE A 160 -3.36 -1.14 -3.85
N LEU A 161 -3.52 -2.45 -4.00
CA LEU A 161 -4.46 -2.94 -4.99
C LEU A 161 -5.88 -2.68 -4.57
N ALA A 162 -6.11 -2.37 -3.30
CA ALA A 162 -7.46 -2.06 -2.87
C ALA A 162 -7.81 -0.58 -3.00
N GLN A 163 -6.88 0.24 -3.49
CA GLN A 163 -7.18 1.63 -3.72
C GLN A 163 -8.28 1.74 -4.77
N PRO A 164 -9.09 2.77 -4.71
CA PRO A 164 -10.22 2.86 -5.62
C PRO A 164 -9.73 2.90 -7.05
N ALA A 165 -10.51 2.29 -7.91
CA ALA A 165 -10.20 2.29 -9.33
C ALA A 165 -10.28 3.74 -9.78
N PRO A 166 -9.50 4.13 -10.76
CA PRO A 166 -8.60 3.29 -11.55
C PRO A 166 -7.16 3.45 -11.11
N LEU A 167 -6.91 3.81 -9.84
CA LEU A 167 -5.53 4.09 -9.44
C LEU A 167 -4.60 2.88 -9.63
N PRO A 168 -4.86 1.72 -9.02
CA PRO A 168 -3.88 0.63 -9.25
C PRO A 168 -3.93 0.17 -10.70
N GLU A 169 -5.11 0.15 -11.29
CA GLU A 169 -5.20 -0.20 -12.71
C GLU A 169 -4.31 0.69 -13.55
N ASN A 170 -4.36 1.98 -13.32
CA ASN A 170 -3.59 2.90 -14.16
C ASN A 170 -2.11 2.69 -13.98
N LEU A 171 -1.68 2.49 -12.75
CA LEU A 171 -0.25 2.23 -12.54
C LEU A 171 0.17 0.88 -13.11
N LEU A 172 -0.66 -0.16 -12.91
CA LEU A 172 -0.37 -1.49 -13.41
C LEU A 172 -0.24 -1.50 -14.93
N GLY A 173 -0.97 -0.63 -15.59
CA GLY A 173 -1.06 -0.76 -17.04
C GLY A 173 0.15 -0.26 -17.78
N GLY A 174 1.05 0.46 -17.12
CA GLY A 174 2.20 0.96 -17.84
C GLY A 174 3.14 -0.14 -18.25
N ASP A 175 3.26 -1.17 -17.41
CA ASP A 175 4.19 -2.24 -17.68
C ASP A 175 3.67 -3.45 -16.90
N PRO A 176 2.56 -4.01 -17.31
CA PRO A 176 1.99 -5.15 -16.55
C PRO A 176 2.97 -6.27 -16.35
N ASP A 177 3.74 -6.62 -17.38
CA ASP A 177 4.72 -7.68 -17.22
C ASP A 177 5.58 -7.47 -15.99
N PHE A 178 6.01 -6.24 -15.76
CA PHE A 178 6.93 -6.06 -14.64
C PHE A 178 6.28 -6.46 -13.35
N TYR A 179 5.01 -6.11 -13.18
CA TYR A 179 4.40 -6.27 -11.88
C TYR A 179 4.07 -7.70 -11.63
N VAL A 180 3.63 -8.42 -12.65
CA VAL A 180 3.30 -9.81 -12.42
C VAL A 180 4.58 -10.60 -12.17
N LYS A 181 5.66 -10.27 -12.87
CA LYS A 181 6.91 -10.98 -12.60
C LYS A 181 7.48 -10.59 -11.25
N ALA A 182 7.28 -9.34 -10.85
CA ALA A 182 7.78 -8.90 -9.56
C ALA A 182 7.06 -9.62 -8.44
N LYS A 183 5.75 -9.77 -8.55
CA LYS A 183 5.07 -10.44 -7.48
C LYS A 183 5.39 -11.92 -7.46
N LEU A 184 5.47 -12.56 -8.63
CA LEU A 184 5.84 -13.97 -8.62
C LEU A 184 7.20 -14.16 -7.98
N ALA A 185 8.13 -13.29 -8.34
CA ALA A 185 9.49 -13.45 -7.86
C ALA A 185 9.59 -13.10 -6.38
N SER A 186 8.95 -11.99 -5.97
CA SER A 186 9.18 -11.48 -4.63
C SER A 186 8.65 -12.42 -3.57
N TRP A 187 7.68 -13.29 -3.89
CA TRP A 187 7.08 -14.10 -2.87
C TRP A 187 7.60 -15.52 -2.87
N THR A 188 8.57 -15.84 -3.72
CA THR A 188 9.24 -17.11 -3.68
C THR A 188 10.36 -17.06 -2.69
N ARG A 189 10.81 -18.26 -2.32
CA ARG A 189 11.97 -18.38 -1.44
C ARG A 189 13.20 -17.76 -2.11
N ALA A 190 13.43 -18.08 -3.36
CA ALA A 190 14.66 -17.61 -4.00
C ALA A 190 14.61 -16.12 -4.32
N GLY A 191 13.42 -15.58 -4.54
CA GLY A 191 13.34 -14.17 -4.88
C GLY A 191 13.47 -13.93 -6.36
N ASP A 192 13.39 -14.98 -7.16
CA ASP A 192 13.42 -14.82 -8.61
C ASP A 192 12.36 -15.75 -9.17
N LEU A 193 12.44 -16.03 -10.47
CA LEU A 193 11.43 -16.80 -11.16
C LEU A 193 11.83 -18.23 -11.35
N SER A 194 12.88 -18.67 -10.65
CA SER A 194 13.47 -19.97 -11.00
CA SER A 194 13.49 -19.97 -10.95
C SER A 194 12.59 -21.12 -10.56
N ALA A 195 11.76 -20.92 -9.54
CA ALA A 195 10.89 -22.00 -9.10
C ALA A 195 9.81 -22.29 -10.11
N PHE A 196 9.54 -21.36 -11.02
CA PHE A 196 8.38 -21.53 -11.89
C PHE A 196 8.76 -22.18 -13.20
N ASP A 197 7.90 -23.03 -13.69
CA ASP A 197 8.02 -23.41 -15.08
C ASP A 197 7.82 -22.17 -15.94
N PRO A 198 8.76 -21.83 -16.84
CA PRO A 198 8.56 -20.68 -17.72
C PRO A 198 7.27 -20.74 -18.54
N ARG A 199 6.80 -21.92 -18.86
CA ARG A 199 5.51 -22.04 -19.54
C ARG A 199 4.39 -21.57 -18.64
N ALA A 200 4.48 -21.90 -17.35
CA ALA A 200 3.52 -21.41 -16.37
C ALA A 200 3.59 -19.90 -16.27
N VAL A 201 4.81 -19.35 -16.23
CA VAL A 201 4.98 -17.92 -16.12
C VAL A 201 4.32 -17.20 -17.28
N GLU A 202 4.44 -17.75 -18.47
CA GLU A 202 3.78 -17.15 -19.61
CA GLU A 202 3.77 -17.19 -19.64
C GLU A 202 2.26 -17.15 -19.45
N HIS A 203 1.68 -18.23 -18.89
CA HIS A 203 0.26 -18.19 -18.56
C HIS A 203 -0.02 -17.02 -17.64
N TYR A 204 0.78 -16.88 -16.60
CA TYR A 204 0.47 -15.82 -15.64
C TYR A 204 0.60 -14.48 -16.31
N ARG A 205 1.66 -14.32 -17.09
CA ARG A 205 1.92 -13.04 -17.69
C ARG A 205 0.86 -12.66 -18.69
N ILE A 206 0.42 -13.63 -19.51
CA ILE A 206 -0.63 -13.37 -20.50
C ILE A 206 -1.92 -12.98 -19.78
N ALA A 207 -2.26 -13.69 -18.71
CA ALA A 207 -3.47 -13.32 -18.00
C ALA A 207 -3.34 -11.89 -17.46
N PHE A 208 -2.16 -11.56 -16.95
CA PHE A 208 -1.98 -10.24 -16.40
C PHE A 208 -1.94 -9.15 -17.46
N ALA A 209 -1.77 -9.52 -18.72
CA ALA A 209 -1.62 -8.51 -19.75
C ALA A 209 -2.95 -7.92 -20.13
N ASP A 210 -4.03 -8.57 -19.72
CA ASP A 210 -5.36 -8.14 -20.06
C ASP A 210 -5.78 -7.10 -19.02
N PRO A 211 -6.01 -5.86 -19.43
CA PRO A 211 -6.48 -4.84 -18.48
C PRO A 211 -7.73 -5.20 -17.71
N MET A 212 -8.64 -5.94 -18.32
CA MET A 212 -9.81 -6.38 -17.58
C MET A 212 -9.44 -7.41 -16.52
N ARG A 213 -8.50 -8.30 -16.83
CA ARG A 213 -8.11 -9.25 -15.82
C ARG A 213 -7.44 -8.52 -14.69
N ARG A 214 -6.67 -7.47 -15.02
CA ARG A 214 -6.02 -6.75 -13.93
C ARG A 214 -7.04 -6.06 -13.06
N HIS A 215 -8.08 -5.54 -13.69
CA HIS A 215 -9.11 -4.85 -12.96
C HIS A 215 -9.77 -5.80 -12.00
N VAL A 216 -10.02 -7.03 -12.46
CA VAL A 216 -10.63 -8.05 -11.63
C VAL A 216 -9.77 -8.35 -10.42
N MET A 217 -8.46 -8.40 -10.65
CA MET A 217 -7.56 -8.67 -9.55
C MET A 217 -7.63 -7.54 -8.53
N CYS A 218 -7.71 -6.31 -8.99
CA CYS A 218 -7.91 -5.23 -8.06
C CYS A 218 -9.25 -5.35 -7.36
N GLU A 219 -10.30 -5.77 -8.09
CA GLU A 219 -11.59 -5.95 -7.44
C GLU A 219 -11.49 -6.99 -6.36
N ASP A 220 -10.75 -8.06 -6.62
CA ASP A 220 -10.53 -9.09 -5.62
C ASP A 220 -9.89 -8.48 -4.39
N TYR A 221 -8.84 -7.68 -4.62
CA TYR A 221 -8.20 -7.05 -3.48
C TYR A 221 -9.11 -6.00 -2.84
N ARG A 222 -9.92 -5.30 -3.60
CA ARG A 222 -10.86 -4.37 -2.98
C ARG A 222 -11.86 -5.12 -2.10
N ALA A 223 -12.42 -6.20 -2.64
CA ALA A 223 -13.22 -7.06 -1.79
C ALA A 223 -12.41 -7.51 -0.58
N GLY A 224 -11.14 -7.78 -0.78
CA GLY A 224 -10.35 -8.29 0.32
C GLY A 224 -10.22 -7.26 1.43
N ALA A 225 -10.18 -6.00 1.04
CA ALA A 225 -10.06 -4.94 2.03
C ALA A 225 -11.39 -4.61 2.70
N TYR A 226 -12.51 -4.98 2.09
CA TYR A 226 -13.76 -4.44 2.57
C TYR A 226 -14.66 -5.59 2.88
N ALA A 227 -15.48 -5.99 1.92
CA ALA A 227 -16.49 -7.01 2.22
C ALA A 227 -15.88 -8.29 2.79
N ASP A 228 -14.82 -8.81 2.16
CA ASP A 228 -14.22 -10.03 2.70
C ASP A 228 -13.85 -9.86 4.16
N PHE A 229 -13.22 -8.73 4.48
CA PHE A 229 -12.87 -8.46 5.85
C PHE A 229 -14.10 -8.42 6.71
N GLU A 230 -15.12 -7.73 6.24
CA GLU A 230 -16.35 -7.65 7.01
C GLU A 230 -16.94 -9.02 7.25
N HIS A 231 -16.97 -9.87 6.22
CA HIS A 231 -17.53 -11.21 6.37
C HIS A 231 -16.73 -12.02 7.35
N ASP A 232 -15.41 -11.92 7.28
CA ASP A 232 -14.60 -12.65 8.24
C ASP A 232 -14.83 -12.11 9.64
N LYS A 233 -14.88 -10.77 9.74
CA LYS A 233 -15.08 -10.13 11.04
C LYS A 233 -16.33 -10.66 11.71
N ILE A 234 -17.43 -10.79 10.95
CA ILE A 234 -18.65 -11.33 11.54
C ILE A 234 -18.37 -12.70 12.13
N ASP A 235 -17.72 -13.56 11.35
CA ASP A 235 -17.52 -14.91 11.82
C ASP A 235 -16.63 -14.96 13.01
N VAL A 236 -15.56 -14.18 12.98
CA VAL A 236 -14.60 -14.29 14.06
C VAL A 236 -15.21 -13.69 15.32
N GLU A 237 -16.01 -12.67 15.17
CA GLU A 237 -16.63 -12.10 16.36
C GLU A 237 -17.78 -12.93 16.85
N ALA A 238 -18.36 -13.73 15.98
CA ALA A 238 -19.42 -14.64 16.37
C ALA A 238 -18.87 -15.97 16.84
N GLY A 239 -17.54 -16.13 16.79
CA GLY A 239 -16.93 -17.43 17.07
C GLY A 239 -17.37 -18.49 16.12
N ASN A 240 -17.61 -18.15 14.87
CA ASN A 240 -17.94 -19.19 13.91
C ASN A 240 -16.63 -19.84 13.50
N LYS A 241 -16.59 -21.16 13.55
CA LYS A 241 -15.39 -21.87 13.19
C LYS A 241 -15.71 -22.79 12.04
N ILE A 242 -14.72 -22.97 11.18
CA ILE A 242 -14.86 -23.92 10.11
C ILE A 242 -14.95 -25.31 10.73
N PRO A 243 -16.01 -26.06 10.46
CA PRO A 243 -16.14 -27.40 11.07
C PRO A 243 -15.57 -28.50 10.20
N VAL A 244 -15.20 -28.17 8.97
CA VAL A 244 -14.63 -29.12 8.02
C VAL A 244 -13.20 -29.41 8.46
N PRO A 245 -12.78 -30.66 8.49
CA PRO A 245 -11.37 -30.96 8.74
C PRO A 245 -10.52 -30.24 7.72
N MET A 246 -9.48 -29.62 8.20
CA MET A 246 -8.73 -28.74 7.36
C MET A 246 -7.26 -28.92 7.59
N LEU A 247 -6.54 -28.74 6.49
CA LEU A 247 -5.11 -28.70 6.44
C LEU A 247 -4.70 -27.28 6.14
N ALA A 248 -3.84 -26.71 6.96
CA ALA A 248 -3.21 -25.43 6.66
C ALA A 248 -1.74 -25.73 6.36
N LEU A 249 -1.33 -25.49 5.14
CA LEU A 249 0.05 -25.61 4.76
C LEU A 249 0.54 -24.19 4.54
N TRP A 250 1.74 -23.91 5.00
CA TRP A 250 2.27 -22.61 4.68
C TRP A 250 3.76 -22.76 4.39
N GLY A 251 4.27 -21.82 3.62
CA GLY A 251 5.67 -21.85 3.32
C GLY A 251 6.44 -21.24 4.47
N ALA A 252 7.55 -21.89 4.82
CA ALA A 252 8.40 -21.33 5.87
C ALA A 252 8.83 -19.91 5.54
N SER A 253 8.91 -19.57 4.27
CA SER A 253 9.27 -18.24 3.84
CA SER A 253 9.28 -18.23 3.86
C SER A 253 8.12 -17.60 3.08
N GLY A 254 6.93 -18.01 3.39
CA GLY A 254 5.76 -17.48 2.72
C GLY A 254 5.20 -16.28 3.45
N ILE A 255 3.99 -15.95 3.08
CA ILE A 255 3.40 -14.72 3.56
C ILE A 255 2.70 -14.94 4.89
N ALA A 256 2.03 -16.08 5.03
CA ALA A 256 1.21 -16.33 6.20
C ALA A 256 2.08 -16.35 7.46
N GLN A 257 3.25 -16.97 7.39
CA GLN A 257 4.06 -17.06 8.58
C GLN A 257 4.65 -15.71 8.99
N SER A 258 4.60 -14.72 8.11
CA SER A 258 5.08 -13.39 8.49
C SER A 258 4.12 -12.72 9.45
N ALA A 259 2.82 -12.93 9.28
CA ALA A 259 1.86 -12.26 10.16
C ALA A 259 1.83 -12.88 11.55
N ALA A 260 2.08 -14.19 11.64
CA ALA A 260 1.78 -14.90 12.87
C ALA A 260 2.05 -16.37 12.65
N THR A 261 2.04 -17.12 13.73
CA THR A 261 2.20 -18.55 13.65
C THR A 261 0.94 -19.17 13.05
N PRO A 262 1.02 -19.81 11.89
CA PRO A 262 -0.23 -20.11 11.17
C PRO A 262 -1.17 -21.09 11.87
N LEU A 263 -0.67 -22.15 12.48
CA LEU A 263 -1.59 -23.10 13.08
C LEU A 263 -2.32 -22.47 14.25
N ASP A 264 -1.63 -21.68 15.08
CA ASP A 264 -2.29 -21.00 16.19
C ASP A 264 -3.46 -20.19 15.66
N VAL A 265 -3.23 -19.46 14.57
CA VAL A 265 -4.30 -18.63 14.05
C VAL A 265 -5.40 -19.51 13.50
N TRP A 266 -5.06 -20.55 12.72
CA TRP A 266 -6.10 -21.34 12.10
C TRP A 266 -6.91 -22.11 13.14
N ARG A 267 -6.29 -22.44 14.29
CA ARG A 267 -7.03 -23.08 15.37
C ARG A 267 -8.12 -22.19 15.93
N LYS A 268 -7.98 -20.87 15.83
CA LYS A 268 -9.07 -19.98 16.18
C LYS A 268 -10.21 -20.02 15.18
N TRP A 269 -9.94 -20.43 13.95
CA TRP A 269 -10.93 -20.38 12.87
C TRP A 269 -11.49 -21.73 12.53
N ALA A 270 -10.93 -22.78 13.07
CA ALA A 270 -11.20 -24.09 12.54
C ALA A 270 -11.18 -25.02 13.72
N SER A 271 -12.22 -25.84 13.82
CA SER A 271 -12.26 -26.75 14.94
CA SER A 271 -12.28 -26.77 14.93
C SER A 271 -11.34 -27.94 14.75
N ASP A 272 -10.97 -28.26 13.52
CA ASP A 272 -10.30 -29.51 13.19
C ASP A 272 -9.24 -29.14 12.15
N VAL A 273 -8.10 -28.69 12.60
CA VAL A 273 -7.08 -28.20 11.66
C VAL A 273 -5.76 -28.85 11.96
N GLN A 274 -5.10 -29.28 10.92
CA GLN A 274 -3.73 -29.70 11.07
C GLN A 274 -2.92 -28.79 10.17
N GLY A 275 -1.66 -28.69 10.46
CA GLY A 275 -0.87 -27.69 9.78
C GLY A 275 0.50 -28.24 9.59
N ALA A 276 1.16 -27.80 8.52
CA ALA A 276 2.53 -28.16 8.37
C ALA A 276 3.16 -27.04 7.58
N PRO A 277 4.34 -26.63 7.95
CA PRO A 277 5.10 -25.73 7.11
C PRO A 277 5.76 -26.57 6.04
N ILE A 278 6.01 -25.93 4.96
CA ILE A 278 6.77 -26.54 3.90
C ILE A 278 7.86 -25.55 3.58
N GLU A 279 9.08 -26.04 3.40
CA GLU A 279 10.20 -25.18 3.08
CA GLU A 279 10.20 -25.16 3.09
C GLU A 279 9.99 -24.59 1.69
N SER A 280 9.52 -23.37 1.62
CA SER A 280 9.05 -22.83 0.38
C SER A 280 8.73 -21.39 0.63
N GLY A 281 8.67 -20.62 -0.44
CA GLY A 281 8.09 -19.31 -0.35
C GLY A 281 6.59 -19.52 -0.46
N HIS A 282 5.90 -18.46 -0.88
CA HIS A 282 4.44 -18.47 -0.95
C HIS A 282 3.92 -19.52 -1.91
N PHE A 283 4.67 -19.83 -2.95
CA PHE A 283 4.09 -20.57 -4.06
C PHE A 283 4.32 -22.06 -3.91
N LEU A 284 3.73 -22.60 -2.84
CA LEU A 284 4.00 -23.98 -2.42
C LEU A 284 3.93 -24.99 -3.55
N PRO A 285 2.89 -25.02 -4.35
CA PRO A 285 2.80 -26.07 -5.36
C PRO A 285 3.81 -25.91 -6.49
N GLU A 286 4.44 -24.76 -6.62
CA GLU A 286 5.46 -24.68 -7.65
C GLU A 286 6.85 -24.71 -7.05
N GLU A 287 7.04 -24.06 -5.92
CA GLU A 287 8.33 -24.10 -5.25
C GLU A 287 8.60 -25.45 -4.63
N ALA A 288 7.57 -26.10 -4.08
CA ALA A 288 7.73 -27.36 -3.37
C ALA A 288 6.62 -28.30 -3.81
N PRO A 289 6.58 -28.66 -5.09
CA PRO A 289 5.49 -29.50 -5.56
C PRO A 289 5.49 -30.88 -4.92
N ASP A 290 6.65 -31.52 -4.74
CA ASP A 290 6.59 -32.87 -4.19
C ASP A 290 6.11 -32.85 -2.77
N GLN A 291 6.61 -31.92 -1.97
CA GLN A 291 6.18 -31.86 -0.58
C GLN A 291 4.73 -31.42 -0.48
N THR A 292 4.34 -30.51 -1.36
CA THR A 292 2.95 -30.07 -1.35
C THR A 292 2.06 -31.20 -1.78
N ALA A 293 2.43 -31.85 -2.88
CA ALA A 293 1.55 -32.91 -3.39
C ALA A 293 1.43 -34.03 -2.38
N GLU A 294 2.53 -34.34 -1.67
CA GLU A 294 2.48 -35.40 -0.67
C GLU A 294 1.59 -35.01 0.48
N ALA A 295 1.71 -33.76 0.91
CA ALA A 295 0.92 -33.28 2.03
C ALA A 295 -0.56 -33.39 1.70
N LEU A 296 -0.91 -32.97 0.49
CA LEU A 296 -2.31 -32.95 0.07
C LEU A 296 -2.86 -34.37 -0.12
N VAL A 297 -2.08 -35.23 -0.77
CA VAL A 297 -2.54 -36.60 -0.95
C VAL A 297 -2.78 -37.26 0.40
N ARG A 298 -1.78 -37.18 1.29
CA ARG A 298 -1.93 -37.69 2.65
C ARG A 298 -3.19 -37.18 3.32
N PHE A 299 -3.37 -35.87 3.30
CA PHE A 299 -4.48 -35.28 4.02
C PHE A 299 -5.81 -35.67 3.39
N PHE A 300 -5.92 -35.60 2.09
CA PHE A 300 -7.23 -35.88 1.52
C PHE A 300 -7.50 -37.37 1.47
N SER A 301 -6.44 -38.19 1.54
CA SER A 301 -6.59 -39.65 1.45
C SER A 301 -7.10 -40.26 2.74
N ALA A 302 -6.92 -39.61 3.90
CA ALA A 302 -7.75 -39.93 5.08
C ALA A 302 -7.55 -38.88 6.14
N ASP B 5 6.36 28.13 -19.74
CA ASP B 5 5.79 26.84 -19.37
C ASP B 5 5.20 26.88 -17.94
N LEU B 6 6.01 27.34 -16.98
CA LEU B 6 5.65 27.33 -15.57
C LEU B 6 5.46 28.77 -15.09
N ALA B 7 4.29 29.04 -14.54
CA ALA B 7 3.95 30.36 -14.05
C ALA B 7 4.76 30.70 -12.80
N ASP B 8 5.07 31.98 -12.66
CA ASP B 8 5.66 32.51 -11.44
C ASP B 8 4.51 32.89 -10.51
N LEU B 9 4.33 32.10 -9.48
CA LEU B 9 3.22 32.27 -8.57
C LEU B 9 3.59 33.08 -7.34
N PHE B 10 4.76 33.72 -7.36
CA PHE B 10 5.22 34.51 -6.23
C PHE B 10 5.72 35.85 -6.73
N PRO B 11 4.85 36.62 -7.38
CA PRO B 11 5.31 37.90 -7.93
C PRO B 11 5.89 38.75 -6.82
N GLY B 12 7.05 39.34 -7.11
CA GLY B 12 7.80 40.08 -6.13
C GLY B 12 8.62 39.24 -5.18
N PHE B 13 8.68 37.92 -5.37
CA PHE B 13 9.63 37.11 -4.66
C PHE B 13 10.85 36.96 -5.53
N GLY B 14 12.02 37.00 -4.88
CA GLY B 14 13.24 36.58 -5.53
C GLY B 14 13.33 35.06 -5.65
N SER B 15 14.31 34.65 -6.42
CA SER B 15 14.54 33.24 -6.67
C SER B 15 15.98 32.95 -6.33
N GLU B 16 16.17 32.11 -5.33
CA GLU B 16 17.47 31.87 -4.73
C GLU B 16 17.84 30.41 -4.90
N TRP B 17 19.04 30.16 -5.40
CA TRP B 17 19.67 28.86 -5.38
C TRP B 17 20.64 28.81 -4.22
N ILE B 18 20.32 28.04 -3.17
CA ILE B 18 21.13 28.08 -1.96
C ILE B 18 22.05 26.87 -1.94
N ASN B 19 23.35 27.10 -1.86
CA ASN B 19 24.26 25.98 -1.92
C ASN B 19 24.34 25.33 -0.55
N THR B 20 24.34 24.02 -0.53
CA THR B 20 24.63 23.30 0.71
C THR B 20 25.64 22.21 0.39
N SER B 21 26.14 21.56 1.44
CA SER B 21 27.06 20.45 1.20
CA SER B 21 27.05 20.44 1.24
C SER B 21 26.40 19.26 0.51
N SER B 22 25.07 19.22 0.40
CA SER B 22 24.40 18.12 -0.30
C SER B 22 23.74 18.54 -1.59
N GLY B 23 23.89 19.80 -1.99
CA GLY B 23 23.30 20.25 -3.22
C GLY B 23 22.52 21.51 -3.01
N ARG B 24 22.02 22.05 -4.11
CA ARG B 24 21.37 23.32 -4.04
C ARG B 24 19.96 23.14 -3.53
N ILE B 25 19.51 24.13 -2.78
CA ILE B 25 18.13 24.26 -2.39
C ILE B 25 17.57 25.40 -3.18
N PHE B 26 16.50 25.16 -3.90
CA PHE B 26 15.86 26.27 -4.57
C PHE B 26 14.85 26.93 -3.64
N ALA B 27 14.77 28.25 -3.69
CA ALA B 27 13.81 28.90 -2.83
C ALA B 27 13.33 30.17 -3.51
N ARG B 28 12.11 30.50 -3.21
CA ARG B 28 11.57 31.81 -3.50
C ARG B 28 11.67 32.57 -2.21
N VAL B 29 12.09 33.83 -2.28
CA VAL B 29 12.33 34.59 -1.07
C VAL B 29 11.67 35.92 -1.28
N GLY B 30 10.82 36.29 -0.36
CA GLY B 30 10.26 37.61 -0.43
C GLY B 30 10.05 38.11 0.99
N GLY B 31 9.68 39.37 1.08
CA GLY B 31 9.28 39.88 2.36
C GLY B 31 10.49 40.37 3.09
N ASP B 32 10.22 40.91 4.26
CA ASP B 32 11.29 41.36 5.13
C ASP B 32 10.81 41.10 6.54
N GLY B 33 11.74 41.08 7.47
CA GLY B 33 11.35 40.85 8.83
C GLY B 33 11.99 39.56 9.25
N PRO B 34 11.46 38.96 10.31
CA PRO B 34 12.07 37.74 10.80
C PRO B 34 11.97 36.67 9.73
N PRO B 35 12.96 35.80 9.62
CA PRO B 35 12.92 34.79 8.56
C PRO B 35 11.95 33.68 8.93
N LEU B 36 11.19 33.29 7.92
CA LEU B 36 10.22 32.22 8.07
C LEU B 36 10.43 31.30 6.89
N LEU B 37 10.73 30.04 7.18
CA LEU B 37 10.98 29.03 6.16
C LEU B 37 9.70 28.23 6.02
N LEU B 38 9.27 28.04 4.77
CA LEU B 38 8.07 27.27 4.44
C LEU B 38 8.51 26.06 3.64
N LEU B 39 8.07 24.88 4.07
CA LEU B 39 8.48 23.65 3.44
C LEU B 39 7.26 22.91 2.98
N HIS B 40 7.25 22.57 1.72
CA HIS B 40 6.15 21.83 1.13
C HIS B 40 6.29 20.35 1.40
N GLY B 41 5.32 19.60 0.94
CA GLY B 41 5.46 18.16 1.02
C GLY B 41 5.12 17.54 -0.32
N PHE B 42 4.61 16.33 -0.23
CA PHE B 42 4.43 15.45 -1.36
C PHE B 42 3.00 15.51 -1.83
N PRO B 43 2.75 15.48 -3.14
CA PRO B 43 3.70 15.49 -4.23
C PRO B 43 3.71 16.89 -4.82
N GLN B 44 4.20 17.81 -4.04
CA GLN B 44 4.13 19.19 -4.41
C GLN B 44 5.53 19.77 -4.41
N THR B 45 5.56 21.09 -4.56
CA THR B 45 6.81 21.82 -4.54
C THR B 45 6.53 23.06 -3.73
N HIS B 46 7.53 23.92 -3.66
CA HIS B 46 7.35 25.13 -2.90
C HIS B 46 6.15 25.93 -3.39
N VAL B 47 5.71 25.71 -4.64
CA VAL B 47 4.69 26.62 -5.11
C VAL B 47 3.38 26.42 -4.39
N MET B 48 3.21 25.31 -3.64
CA MET B 48 2.00 25.17 -2.85
C MET B 48 1.75 26.28 -1.86
N TRP B 49 2.77 27.06 -1.51
CA TRP B 49 2.60 28.17 -0.61
C TRP B 49 2.18 29.44 -1.32
N HIS B 50 1.89 29.36 -2.63
CA HIS B 50 1.76 30.57 -3.40
C HIS B 50 0.61 31.44 -2.94
N ARG B 51 -0.38 30.89 -2.25
CA ARG B 51 -1.52 31.68 -1.81
C ARG B 51 -1.33 32.25 -0.40
N VAL B 52 -0.48 31.63 0.42
CA VAL B 52 -0.30 32.11 1.77
C VAL B 52 1.00 32.90 1.90
N ALA B 53 2.00 32.59 1.09
CA ALA B 53 3.28 33.24 1.28
C ALA B 53 3.19 34.75 1.15
N PRO B 54 2.41 35.33 0.22
CA PRO B 54 2.41 36.80 0.17
C PRO B 54 1.83 37.43 1.41
N LYS B 55 0.83 36.79 2.03
CA LYS B 55 0.31 37.30 3.29
C LYS B 55 1.35 37.20 4.38
N LEU B 56 2.10 36.09 4.42
CA LEU B 56 3.22 35.98 5.35
C LEU B 56 4.31 37.00 5.05
N ALA B 57 4.57 37.27 3.77
CA ALA B 57 5.64 38.19 3.40
C ALA B 57 5.31 39.61 3.80
N GLU B 58 4.09 39.86 4.24
CA GLU B 58 3.81 41.17 4.83
C GLU B 58 4.53 41.38 6.15
N ARG B 59 4.88 40.32 6.87
CA ARG B 59 5.50 40.49 8.19
CA ARG B 59 5.46 40.47 8.19
C ARG B 59 6.80 39.75 8.36
N PHE B 60 7.15 38.85 7.45
CA PHE B 60 8.33 38.00 7.59
C PHE B 60 9.13 37.99 6.32
N LYS B 61 10.40 37.66 6.49
CA LYS B 61 11.18 37.26 5.35
C LYS B 61 10.79 35.81 5.10
N VAL B 62 10.11 35.59 3.99
CA VAL B 62 9.51 34.30 3.70
C VAL B 62 10.44 33.61 2.74
N ILE B 63 10.89 32.43 3.12
CA ILE B 63 11.74 31.64 2.28
C ILE B 63 10.94 30.41 1.92
N VAL B 64 10.65 30.23 0.64
CA VAL B 64 9.75 29.16 0.27
C VAL B 64 10.60 28.16 -0.50
N ALA B 65 11.01 27.06 0.15
CA ALA B 65 12.09 26.24 -0.37
C ALA B 65 11.51 24.95 -0.92
N ASP B 66 12.12 24.47 -1.99
CA ASP B 66 11.90 23.07 -2.36
C ASP B 66 12.73 22.19 -1.43
N LEU B 67 12.08 21.19 -0.89
CA LEU B 67 12.80 20.20 -0.14
C LEU B 67 13.95 19.62 -0.93
N PRO B 68 15.00 19.19 -0.24
CA PRO B 68 16.05 18.45 -0.92
C PRO B 68 15.43 17.41 -1.82
N GLY B 69 15.91 17.35 -3.06
CA GLY B 69 15.45 16.34 -3.98
C GLY B 69 14.14 16.66 -4.66
N TYR B 70 13.41 17.68 -4.21
CA TYR B 70 12.11 17.99 -4.78
C TYR B 70 12.21 19.26 -5.63
N GLY B 71 11.27 19.42 -6.53
CA GLY B 71 11.05 20.72 -7.14
C GLY B 71 12.27 21.03 -7.96
N TRP B 72 12.90 22.17 -7.69
CA TRP B 72 14.14 22.49 -8.39
C TRP B 72 15.36 22.34 -7.50
N SER B 73 15.22 21.84 -6.29
CA SER B 73 16.41 21.60 -5.49
C SER B 73 17.16 20.44 -6.09
N ASP B 74 18.47 20.43 -5.84
CA ASP B 74 19.25 19.31 -6.33
C ASP B 74 18.80 18.02 -5.63
N MET B 75 19.08 16.91 -6.31
CA MET B 75 18.79 15.58 -5.76
C MET B 75 20.07 14.93 -5.27
N PRO B 76 20.35 15.00 -3.99
CA PRO B 76 21.52 14.27 -3.50
C PRO B 76 21.38 12.80 -3.84
N GLU B 77 22.52 12.19 -4.13
CA GLU B 77 22.57 10.76 -4.33
C GLU B 77 22.10 10.06 -3.06
N SER B 78 21.20 9.12 -3.23
CA SER B 78 20.75 8.40 -2.07
CA SER B 78 20.75 8.40 -2.06
C SER B 78 21.71 7.24 -1.78
N ASP B 79 21.35 6.44 -0.81
CA ASP B 79 22.14 5.27 -0.48
C ASP B 79 21.16 4.25 0.07
N GLU B 80 21.70 3.13 0.53
CA GLU B 80 20.81 2.04 0.89
C GLU B 80 19.95 2.37 2.09
N GLN B 81 20.34 3.36 2.89
CA GLN B 81 19.56 3.76 4.04
C GLN B 81 18.72 5.00 3.75
N HIS B 82 18.75 5.46 2.50
CA HIS B 82 17.99 6.62 2.03
C HIS B 82 18.39 7.87 2.76
N THR B 83 19.65 7.87 3.18
CA THR B 83 20.08 8.85 4.16
C THR B 83 19.72 10.26 3.79
N PRO B 84 20.02 10.75 2.57
CA PRO B 84 19.78 12.17 2.29
C PRO B 84 18.33 12.53 2.31
N TYR B 85 17.45 11.54 2.28
CA TYR B 85 16.02 11.83 2.25
C TYR B 85 15.35 11.49 3.56
N THR B 86 16.14 11.03 4.54
CA THR B 86 15.65 11.02 5.91
C THR B 86 15.38 12.45 6.33
N LYS B 87 14.39 12.60 7.19
CA LYS B 87 14.01 13.92 7.64
C LYS B 87 15.15 14.56 8.41
N ARG B 88 15.92 13.75 9.13
CA ARG B 88 17.06 14.30 9.86
C ARG B 88 18.09 14.87 8.89
N ALA B 89 18.35 14.16 7.80
CA ALA B 89 19.30 14.71 6.84
C ALA B 89 18.72 15.91 6.12
N MET B 90 17.44 15.88 5.74
CA MET B 90 16.91 17.05 5.06
C MET B 90 16.91 18.25 5.99
N ALA B 91 16.61 18.02 7.27
CA ALA B 91 16.66 19.12 8.23
C ALA B 91 18.03 19.71 8.31
N LYS B 92 19.05 18.83 8.41
CA LYS B 92 20.43 19.31 8.43
C LYS B 92 20.74 20.11 7.20
N GLN B 93 20.28 19.63 6.05
CA GLN B 93 20.56 20.31 4.81
C GLN B 93 19.86 21.65 4.78
N LEU B 94 18.63 21.71 5.25
CA LEU B 94 17.96 23.01 5.26
C LEU B 94 18.56 23.97 6.27
N ILE B 95 19.03 23.45 7.40
CA ILE B 95 19.70 24.32 8.36
C ILE B 95 20.90 24.93 7.68
N GLU B 96 21.64 24.11 6.96
CA GLU B 96 22.78 24.64 6.24
C GLU B 96 22.33 25.67 5.23
N ALA B 97 21.24 25.40 4.51
CA ALA B 97 20.78 26.38 3.54
C ALA B 97 20.42 27.69 4.21
N MET B 98 19.72 27.64 5.35
CA MET B 98 19.38 28.86 6.06
C MET B 98 20.63 29.58 6.54
N GLU B 99 21.62 28.83 7.02
CA GLU B 99 22.90 29.45 7.38
C GLU B 99 23.51 30.22 6.23
N GLN B 100 23.41 29.71 5.00
CA GLN B 100 23.96 30.44 3.86
CA GLN B 100 23.99 30.45 3.88
C GLN B 100 23.30 31.78 3.68
N LEU B 101 22.08 31.93 4.16
CA LEU B 101 21.36 33.20 4.14
C LEU B 101 21.58 34.00 5.40
N GLY B 102 22.35 33.46 6.34
CA GLY B 102 22.53 34.11 7.60
C GLY B 102 21.41 33.91 8.57
N HIS B 103 20.58 32.89 8.38
CA HIS B 103 19.44 32.67 9.26
C HIS B 103 19.77 31.49 10.13
N VAL B 104 20.15 31.73 11.37
CA VAL B 104 20.45 30.61 12.25
C VAL B 104 19.36 30.38 13.24
N HIS B 105 18.34 31.21 13.22
CA HIS B 105 17.27 31.09 14.17
C HIS B 105 16.07 31.61 13.42
N PHE B 106 15.16 30.74 13.07
CA PHE B 106 14.10 31.12 12.14
C PHE B 106 12.82 30.41 12.51
N ALA B 107 11.75 30.93 11.94
CA ALA B 107 10.47 30.29 12.08
C ALA B 107 10.33 29.33 10.92
N LEU B 108 9.48 28.33 11.11
CA LEU B 108 9.45 27.22 10.18
C LEU B 108 8.02 26.75 10.15
N ALA B 109 7.45 26.70 8.96
CA ALA B 109 6.16 26.05 8.78
C ALA B 109 6.36 24.99 7.71
N GLY B 110 5.85 23.79 7.96
CA GLY B 110 6.01 22.73 7.01
C GLY B 110 4.67 22.06 6.83
N HIS B 111 4.46 21.53 5.67
CA HIS B 111 3.26 20.81 5.35
C HIS B 111 3.71 19.46 4.86
N ASP B 112 3.04 18.39 5.33
CA ASP B 112 3.26 17.07 4.76
C ASP B 112 4.72 16.68 4.97
N ARG B 113 5.46 16.29 3.94
CA ARG B 113 6.84 15.86 4.15
C ARG B 113 7.66 16.96 4.76
N GLY B 114 7.40 18.20 4.32
CA GLY B 114 8.15 19.32 4.87
C GLY B 114 7.84 19.52 6.34
N ALA B 115 6.62 19.19 6.78
CA ALA B 115 6.36 19.24 8.21
C ALA B 115 7.13 18.15 8.95
N ARG B 116 7.39 17.03 8.30
CA ARG B 116 8.18 15.99 8.95
C ARG B 116 9.61 16.40 9.07
N VAL B 117 10.14 17.03 8.04
CA VAL B 117 11.44 17.67 8.20
C VAL B 117 11.37 18.63 9.36
N SER B 118 10.29 19.39 9.43
CA SER B 118 10.27 20.47 10.41
C SER B 118 10.25 19.95 11.84
N TYR B 119 9.44 18.93 12.15
CA TYR B 119 9.45 18.53 13.54
C TYR B 119 10.72 17.77 13.85
N ARG B 120 11.30 17.07 12.86
CA ARG B 120 12.58 16.42 13.11
C ARG B 120 13.62 17.48 13.37
N LEU B 121 13.59 18.53 12.54
CA LEU B 121 14.47 19.66 12.81
C LEU B 121 14.27 20.16 14.23
N ALA B 122 13.01 20.35 14.64
CA ALA B 122 12.75 20.85 15.98
C ALA B 122 13.32 19.91 17.03
N LEU B 123 13.21 18.59 16.79
CA LEU B 123 13.72 17.63 17.77
C LEU B 123 15.26 17.58 17.78
N ASP B 124 15.90 17.68 16.62
CA ASP B 124 17.33 17.53 16.51
C ASP B 124 18.05 18.82 16.88
N SER B 125 17.49 19.95 16.52
CA SER B 125 18.18 21.24 16.59
CA SER B 125 18.19 21.23 16.62
C SER B 125 17.17 22.29 16.98
N PRO B 126 16.59 22.19 18.18
CA PRO B 126 15.50 23.09 18.54
C PRO B 126 15.98 24.52 18.67
N GLY B 127 17.27 24.72 18.97
CA GLY B 127 17.81 26.08 19.04
C GLY B 127 17.72 26.81 17.73
N ARG B 128 17.55 26.09 16.62
CA ARG B 128 17.45 26.74 15.31
C ARG B 128 16.10 27.41 15.06
N LEU B 129 15.08 27.13 15.87
CA LEU B 129 13.71 27.52 15.57
C LEU B 129 13.16 28.45 16.60
N SER B 130 12.55 29.52 16.14
CA SER B 130 11.79 30.37 17.04
CA SER B 130 11.79 30.36 17.04
CA SER B 130 11.79 30.36 17.05
C SER B 130 10.43 29.72 17.34
N LYS B 131 9.76 29.27 16.30
CA LYS B 131 8.42 28.77 16.38
C LYS B 131 8.29 27.82 15.22
N LEU B 132 7.48 26.81 15.39
CA LEU B 132 7.31 25.79 14.38
C LEU B 132 5.82 25.59 14.14
N ALA B 133 5.39 25.52 12.89
CA ALA B 133 4.02 25.13 12.59
C ALA B 133 4.10 23.93 11.70
N VAL B 134 3.28 22.93 11.98
CA VAL B 134 3.19 21.74 11.15
C VAL B 134 1.77 21.67 10.68
N LEU B 135 1.62 21.38 9.41
CA LEU B 135 0.32 21.42 8.76
C LEU B 135 -0.02 19.99 8.36
N ASP B 136 -1.07 19.48 8.97
CA ASP B 136 -1.78 18.26 8.59
C ASP B 136 -0.89 17.04 8.63
N ILE B 137 -0.08 16.94 9.69
CA ILE B 137 0.66 15.72 9.95
C ILE B 137 0.58 15.33 11.43
N LEU B 138 0.81 14.06 11.65
CA LEU B 138 1.26 13.59 12.92
C LEU B 138 2.66 13.11 12.69
N PRO B 139 3.43 12.91 13.74
CA PRO B 139 4.78 12.40 13.57
C PRO B 139 4.72 11.06 12.87
N THR B 140 5.74 10.81 12.10
CA THR B 140 5.85 9.58 11.33
C THR B 140 5.69 8.37 12.22
N TYR B 141 6.32 8.38 13.39
CA TYR B 141 6.16 7.27 14.31
C TYR B 141 4.69 7.00 14.58
N GLU B 142 3.92 8.06 14.78
CA GLU B 142 2.50 7.87 15.13
C GLU B 142 1.73 7.21 14.00
N TYR B 143 2.02 7.59 12.75
CA TYR B 143 1.36 6.93 11.64
C TYR B 143 1.66 5.45 11.64
N TRP B 144 2.95 5.09 11.81
CA TRP B 144 3.29 3.67 11.76
C TRP B 144 2.75 2.95 12.97
N GLN B 145 2.77 3.61 14.12
CA GLN B 145 2.25 2.98 15.32
C GLN B 145 0.76 2.74 15.23
N ARG B 146 0.05 3.64 14.55
CA ARG B 146 -1.39 3.57 14.41
C ARG B 146 -1.76 2.66 13.29
N MET B 147 -0.77 2.17 12.57
CA MET B 147 -1.02 1.38 11.39
C MET B 147 -2.03 0.29 11.73
N ASN B 148 -3.10 0.30 10.97
CA ASN B 148 -4.13 -0.71 11.07
C ASN B 148 -4.77 -0.77 9.71
N ARG B 149 -5.80 -1.60 9.59
CA ARG B 149 -6.45 -1.70 8.29
C ARG B 149 -6.88 -0.34 7.76
N ALA B 150 -7.58 0.44 8.60
CA ALA B 150 -8.10 1.70 8.08
C ALA B 150 -6.96 2.64 7.65
N TYR B 151 -5.93 2.79 8.48
CA TYR B 151 -4.85 3.70 8.09
C TYR B 151 -4.10 3.13 6.89
N ALA B 152 -3.92 1.81 6.86
CA ALA B 152 -3.21 1.21 5.73
C ALA B 152 -3.86 1.56 4.41
N LEU B 153 -5.18 1.48 4.36
CA LEU B 153 -5.89 1.83 3.16
C LEU B 153 -5.80 3.31 2.89
N LYS B 154 -5.92 4.10 3.94
CA LYS B 154 -5.95 5.55 3.75
C LYS B 154 -4.59 6.07 3.31
N ILE B 155 -3.51 5.60 3.93
CA ILE B 155 -2.22 6.16 3.58
C ILE B 155 -1.47 4.98 3.00
N TYR B 156 -2.11 4.27 2.06
CA TYR B 156 -1.41 3.15 1.46
C TYR B 156 -0.09 3.57 0.85
N HIS B 157 0.05 4.86 0.44
CA HIS B 157 1.27 5.18 -0.28
C HIS B 157 2.49 5.14 0.62
N TRP B 158 2.27 5.24 1.93
CA TRP B 158 3.36 5.07 2.87
C TRP B 158 4.02 3.73 2.75
N SER B 159 3.26 2.68 2.46
CA SER B 159 3.88 1.39 2.30
CA SER B 159 3.83 1.37 2.30
CA SER B 159 3.84 1.36 2.30
C SER B 159 4.24 1.10 0.86
N PHE B 160 3.43 1.59 -0.07
CA PHE B 160 3.68 1.39 -1.49
C PHE B 160 4.96 2.09 -1.94
N LEU B 161 5.09 3.38 -1.62
CA LEU B 161 6.27 4.12 -2.05
C LEU B 161 7.50 3.66 -1.31
N ALA B 162 7.34 3.02 -0.18
CA ALA B 162 8.49 2.52 0.53
C ALA B 162 8.93 1.14 0.07
N GLN B 163 8.24 0.54 -0.90
CA GLN B 163 8.73 -0.74 -1.42
C GLN B 163 10.12 -0.56 -2.05
N PRO B 164 10.91 -1.63 -2.10
CA PRO B 164 12.26 -1.51 -2.68
C PRO B 164 12.21 -1.07 -4.12
N ALA B 165 13.13 -0.21 -4.48
CA ALA B 165 13.23 0.16 -5.85
C ALA B 165 13.50 -1.09 -6.68
N PRO B 166 13.06 -1.14 -7.94
CA PRO B 166 12.35 -0.07 -8.63
C PRO B 166 10.83 -0.27 -8.69
N LEU B 167 10.27 -1.01 -7.73
CA LEU B 167 8.85 -1.35 -7.79
C LEU B 167 7.99 -0.10 -7.84
N PRO B 168 8.04 0.81 -6.87
CA PRO B 168 7.14 1.95 -7.00
C PRO B 168 7.55 2.84 -8.12
N GLU B 169 8.83 2.92 -8.42
CA GLU B 169 9.26 3.81 -9.51
C GLU B 169 8.68 3.35 -10.83
N ASN B 170 8.69 2.03 -11.02
CA ASN B 170 8.19 1.49 -12.28
C ASN B 170 6.69 1.68 -12.34
N LEU B 171 6.00 1.46 -11.21
CA LEU B 171 4.56 1.63 -11.21
C LEU B 171 4.19 3.09 -11.41
N LEU B 172 4.83 3.99 -10.67
CA LEU B 172 4.51 5.40 -10.89
C LEU B 172 4.75 5.77 -12.33
N GLY B 173 5.81 5.21 -12.92
CA GLY B 173 6.07 5.42 -14.32
C GLY B 173 4.89 5.03 -15.21
N GLY B 174 3.98 4.19 -14.73
CA GLY B 174 2.87 3.77 -15.59
C GLY B 174 1.92 4.90 -15.91
N ASP B 175 1.70 5.79 -14.96
CA ASP B 175 0.81 6.90 -15.27
C ASP B 175 1.12 8.06 -14.33
N PRO B 176 2.22 8.76 -14.52
CA PRO B 176 2.63 9.71 -13.47
C PRO B 176 1.68 10.86 -13.38
N ASP B 177 1.25 11.43 -14.52
CA ASP B 177 0.31 12.52 -14.47
C ASP B 177 -0.95 12.08 -13.75
N PHE B 178 -1.41 10.88 -14.02
CA PHE B 178 -2.59 10.46 -13.31
C PHE B 178 -2.33 10.38 -11.82
N TYR B 179 -1.17 9.86 -11.45
CA TYR B 179 -0.91 9.61 -10.05
C TYR B 179 -0.83 10.91 -9.29
N VAL B 180 -0.04 11.85 -9.80
CA VAL B 180 0.09 13.09 -9.05
C VAL B 180 -1.25 13.78 -8.96
N LYS B 181 -2.02 13.77 -10.05
CA LYS B 181 -3.32 14.41 -9.98
C LYS B 181 -4.27 13.69 -9.03
N ALA B 182 -4.21 12.36 -9.03
CA ALA B 182 -5.05 11.57 -8.14
C ALA B 182 -4.71 11.85 -6.69
N LYS B 183 -3.42 11.99 -6.38
CA LYS B 183 -3.04 12.30 -5.01
C LYS B 183 -3.55 13.66 -4.61
N LEU B 184 -3.31 14.65 -5.46
CA LEU B 184 -3.78 16.00 -5.18
C LEU B 184 -5.28 16.00 -4.95
N ALA B 185 -6.02 15.42 -5.87
CA ALA B 185 -7.47 15.51 -5.79
C ALA B 185 -7.97 14.71 -4.60
N SER B 186 -7.40 13.51 -4.41
CA SER B 186 -8.05 12.61 -3.48
C SER B 186 -7.88 13.11 -2.07
N TRP B 187 -6.85 13.94 -1.82
CA TRP B 187 -6.65 14.40 -0.46
C TRP B 187 -7.24 15.78 -0.22
N THR B 188 -7.98 16.31 -1.19
CA THR B 188 -8.65 17.57 -0.91
C THR B 188 -10.03 17.29 -0.36
N ARG B 189 -10.63 18.33 0.24
CA ARG B 189 -12.05 18.25 0.57
C ARG B 189 -12.91 18.03 -0.67
N ALA B 190 -12.62 18.76 -1.74
CA ALA B 190 -13.49 18.66 -2.92
C ALA B 190 -13.41 17.28 -3.56
N GLY B 191 -12.26 16.62 -3.45
CA GLY B 191 -12.07 15.40 -4.20
C GLY B 191 -11.69 15.62 -5.64
N ASP B 192 -11.53 16.85 -6.09
CA ASP B 192 -11.07 17.05 -7.45
C ASP B 192 -9.92 18.06 -7.40
N LEU B 193 -9.54 18.62 -8.52
CA LEU B 193 -8.43 19.56 -8.53
C LEU B 193 -8.89 21.00 -8.44
N SER B 194 -10.16 21.22 -8.11
CA SER B 194 -10.67 22.57 -8.19
C SER B 194 -10.12 23.49 -7.09
N ALA B 195 -9.60 22.95 -5.98
CA ALA B 195 -9.02 23.85 -4.98
C ALA B 195 -7.69 24.45 -5.41
N PHE B 196 -7.05 23.85 -6.42
CA PHE B 196 -5.72 24.24 -6.81
C PHE B 196 -5.72 25.26 -7.92
N ASP B 197 -4.72 26.09 -7.89
CA ASP B 197 -4.44 26.92 -9.04
C ASP B 197 -3.90 26.03 -10.14
N PRO B 198 -4.47 26.07 -11.34
CA PRO B 198 -4.00 25.18 -12.40
C PRO B 198 -2.54 25.38 -12.70
N ARG B 199 -2.04 26.59 -12.47
CA ARG B 199 -0.64 26.82 -12.71
C ARG B 199 0.22 26.14 -11.65
N ALA B 200 -0.32 26.04 -10.44
CA ALA B 200 0.34 25.26 -9.40
C ALA B 200 0.32 23.80 -9.74
N VAL B 201 -0.84 23.30 -10.19
CA VAL B 201 -0.89 21.90 -10.58
C VAL B 201 0.14 21.61 -11.66
N GLU B 202 0.33 22.57 -12.57
CA GLU B 202 1.34 22.40 -13.61
C GLU B 202 2.73 22.21 -13.02
N HIS B 203 3.10 23.04 -12.04
CA HIS B 203 4.37 22.82 -11.35
C HIS B 203 4.45 21.40 -10.79
N TYR B 204 3.40 20.95 -10.10
CA TYR B 204 3.49 19.64 -9.44
C TYR B 204 3.57 18.57 -10.50
N ARG B 205 2.82 18.76 -11.59
CA ARG B 205 2.78 17.76 -12.64
C ARG B 205 4.14 17.62 -13.29
N ILE B 206 4.80 18.75 -13.53
CA ILE B 206 6.08 18.73 -14.22
C ILE B 206 7.15 18.11 -13.34
N ALA B 207 7.15 18.47 -12.05
CA ALA B 207 8.06 17.83 -11.10
C ALA B 207 7.85 16.34 -11.10
N PHE B 208 6.59 15.94 -11.05
CA PHE B 208 6.29 14.54 -10.98
C PHE B 208 6.61 13.82 -12.28
N ALA B 209 6.75 14.55 -13.38
CA ALA B 209 7.01 13.89 -14.66
C ALA B 209 8.45 13.42 -14.78
N ASP B 210 9.31 13.88 -13.93
CA ASP B 210 10.69 13.52 -13.99
C ASP B 210 10.90 12.25 -13.19
N PRO B 211 11.35 11.16 -13.81
CA PRO B 211 11.54 9.92 -13.05
C PRO B 211 12.51 10.07 -11.92
N MET B 212 13.55 10.85 -12.09
CA MET B 212 14.50 10.99 -11.00
CA MET B 212 14.50 11.02 -11.01
C MET B 212 13.83 11.65 -9.80
N ARG B 213 12.93 12.60 -10.05
CA ARG B 213 12.20 13.24 -8.97
C ARG B 213 11.31 12.22 -8.30
N ARG B 214 10.62 11.43 -9.11
CA ARG B 214 9.77 10.40 -8.51
C ARG B 214 10.60 9.44 -7.70
N HIS B 215 11.83 9.18 -8.12
CA HIS B 215 12.65 8.27 -7.33
C HIS B 215 12.98 8.86 -5.97
N VAL B 216 13.32 10.15 -5.96
CA VAL B 216 13.57 10.84 -4.71
C VAL B 216 12.38 10.77 -3.79
N MET B 217 11.17 10.95 -4.34
CA MET B 217 9.97 10.86 -3.50
C MET B 217 9.86 9.47 -2.89
N CYS B 218 10.15 8.44 -3.66
CA CYS B 218 10.16 7.12 -3.09
C CYS B 218 11.27 7.00 -2.06
N GLU B 219 12.40 7.63 -2.31
CA GLU B 219 13.44 7.60 -1.29
C GLU B 219 12.96 8.27 -0.01
N ASP B 220 12.23 9.36 -0.14
CA ASP B 220 11.68 10.05 1.03
C ASP B 220 10.77 9.11 1.80
N TYR B 221 9.90 8.40 1.07
CA TYR B 221 9.00 7.49 1.73
C TYR B 221 9.70 6.27 2.28
N ARG B 222 10.77 5.82 1.62
CA ARG B 222 11.54 4.71 2.18
C ARG B 222 12.17 5.14 3.46
N ALA B 223 12.73 6.35 3.46
CA ALA B 223 13.20 6.93 4.72
C ALA B 223 12.09 6.95 5.74
N GLY B 224 10.88 7.30 5.30
CA GLY B 224 9.78 7.47 6.21
C GLY B 224 9.38 6.16 6.85
N ALA B 225 9.66 5.07 6.20
CA ALA B 225 9.31 3.75 6.71
C ALA B 225 10.41 3.19 7.56
N TYR B 226 11.62 3.65 7.37
CA TYR B 226 12.77 3.06 8.04
C TYR B 226 13.40 4.11 8.94
N ALA B 227 14.43 4.80 8.47
CA ALA B 227 15.21 5.61 9.37
C ALA B 227 14.36 6.63 10.12
N ASP B 228 13.43 7.30 9.43
CA ASP B 228 12.66 8.36 10.07
C ASP B 228 11.84 7.80 11.22
N PHE B 229 11.32 6.58 11.02
CA PHE B 229 10.55 5.96 12.07
C PHE B 229 11.46 5.63 13.24
N GLU B 230 12.65 5.13 12.93
CA GLU B 230 13.63 4.78 13.96
C GLU B 230 14.08 6.03 14.70
N HIS B 231 14.38 7.09 13.98
CA HIS B 231 14.72 8.33 14.67
C HIS B 231 13.60 8.78 15.58
N ASP B 232 12.37 8.79 15.08
CA ASP B 232 11.24 9.18 15.92
C ASP B 232 11.13 8.28 17.14
N LYS B 233 11.25 6.98 16.90
CA LYS B 233 11.13 6.03 18.00
C LYS B 233 12.11 6.35 19.13
N ILE B 234 13.35 6.64 18.76
CA ILE B 234 14.34 7.08 19.75
C ILE B 234 13.79 8.23 20.59
N ASP B 235 13.23 9.26 19.96
CA ASP B 235 12.69 10.39 20.72
C ASP B 235 11.51 9.98 21.61
N VAL B 236 10.56 9.20 21.10
CA VAL B 236 9.48 8.73 21.95
C VAL B 236 10.05 7.99 23.14
N GLU B 237 10.99 7.11 22.87
CA GLU B 237 11.46 6.27 23.96
C GLU B 237 12.29 7.04 24.96
N ALA B 238 12.98 8.09 24.51
CA ALA B 238 13.69 8.97 25.44
C ALA B 238 12.75 9.98 26.07
N GLY B 239 11.52 10.08 25.59
CA GLY B 239 10.65 11.14 26.06
C GLY B 239 11.04 12.49 25.56
N ASN B 240 11.82 12.56 24.48
CA ASN B 240 12.28 13.86 24.00
C ASN B 240 11.10 14.61 23.43
N LYS B 241 10.90 15.81 23.90
CA LYS B 241 9.79 16.60 23.42
C LYS B 241 10.33 17.79 22.65
N ILE B 242 9.55 18.26 21.70
CA ILE B 242 9.88 19.51 21.03
C ILE B 242 9.66 20.67 22.00
N PRO B 243 10.62 21.52 22.21
CA PRO B 243 10.50 22.59 23.20
C PRO B 243 10.12 23.92 22.54
N VAL B 244 10.19 23.94 21.21
CA VAL B 244 9.84 25.12 20.41
C VAL B 244 8.33 25.30 20.44
N PRO B 245 7.80 26.52 20.63
CA PRO B 245 6.35 26.70 20.55
C PRO B 245 5.90 26.24 19.19
N MET B 246 4.83 25.50 19.16
CA MET B 246 4.45 24.97 17.88
C MET B 246 2.97 25.12 17.69
N LEU B 247 2.59 25.17 16.43
CA LEU B 247 1.21 25.25 16.03
C LEU B 247 0.98 24.04 15.16
N ALA B 248 -0.04 23.25 15.48
CA ALA B 248 -0.40 22.11 14.66
C ALA B 248 -1.71 22.50 14.00
N LEU B 249 -1.71 22.62 12.69
CA LEU B 249 -2.95 22.81 11.96
C LEU B 249 -3.23 21.53 11.21
N TRP B 250 -4.51 21.20 11.08
CA TRP B 250 -4.83 20.00 10.33
C TRP B 250 -6.14 20.26 9.63
N GLY B 251 -6.35 19.54 8.54
CA GLY B 251 -7.57 19.69 7.75
C GLY B 251 -8.67 18.87 8.39
N ALA B 252 -9.80 19.49 8.65
CA ALA B 252 -10.91 18.73 9.19
C ALA B 252 -11.15 17.46 8.35
N SER B 253 -10.91 17.54 7.05
CA SER B 253 -10.98 16.38 6.17
C SER B 253 -9.59 15.90 5.73
N GLY B 254 -8.56 16.19 6.51
CA GLY B 254 -7.20 15.88 6.14
C GLY B 254 -6.74 14.50 6.60
N ILE B 255 -5.46 14.25 6.39
CA ILE B 255 -4.89 12.94 6.70
C ILE B 255 -4.72 12.77 8.22
N ALA B 256 -4.25 13.83 8.90
CA ALA B 256 -3.86 13.73 10.31
C ALA B 256 -5.04 13.39 11.22
N GLN B 257 -6.22 13.97 10.98
CA GLN B 257 -7.34 13.81 11.92
C GLN B 257 -7.88 12.38 11.94
N SER B 258 -7.68 11.61 10.87
CA SER B 258 -8.17 10.23 10.81
C SER B 258 -7.52 9.38 11.90
N ALA B 259 -6.18 9.30 11.88
CA ALA B 259 -5.47 8.37 12.74
C ALA B 259 -5.68 8.67 14.23
N ALA B 260 -5.65 9.95 14.60
CA ALA B 260 -5.80 10.40 15.99
C ALA B 260 -5.92 11.92 16.03
N THR B 261 -6.64 12.45 17.06
CA THR B 261 -6.89 13.89 17.22
C THR B 261 -5.56 14.63 17.34
N PRO B 262 -5.20 15.44 16.35
CA PRO B 262 -3.78 15.83 16.22
C PRO B 262 -3.23 16.61 17.38
N LEU B 263 -4.01 17.50 18.00
CA LEU B 263 -3.48 18.24 19.15
C LEU B 263 -3.13 17.28 20.28
N ASP B 264 -4.04 16.36 20.59
CA ASP B 264 -3.75 15.36 21.60
CA ASP B 264 -3.76 15.35 21.60
C ASP B 264 -2.49 14.57 21.26
N VAL B 265 -2.28 14.28 19.99
CA VAL B 265 -1.06 13.58 19.62
C VAL B 265 0.15 14.49 19.78
N TRP B 266 0.08 15.68 19.20
CA TRP B 266 1.25 16.53 19.22
C TRP B 266 1.67 16.91 20.64
N ARG B 267 0.71 16.94 21.57
CA ARG B 267 1.03 17.29 22.94
C ARG B 267 1.90 16.23 23.60
N LYS B 268 1.89 15.00 23.09
CA LYS B 268 2.84 13.99 23.55
C LYS B 268 4.24 14.28 23.03
N TRP B 269 4.35 15.03 21.94
CA TRP B 269 5.60 15.27 21.27
C TRP B 269 6.14 16.67 21.50
N ALA B 270 5.33 17.55 22.06
CA ALA B 270 5.73 18.95 22.13
C ALA B 270 5.20 19.53 23.42
N SER B 271 5.99 20.40 24.01
CA SER B 271 5.63 20.92 25.32
C SER B 271 4.70 22.10 25.21
N ASP B 272 4.72 22.78 24.10
CA ASP B 272 3.95 24.02 23.98
C ASP B 272 3.33 23.98 22.58
N VAL B 273 2.17 23.36 22.48
CA VAL B 273 1.57 23.20 21.17
C VAL B 273 0.16 23.77 21.23
N GLN B 274 -0.20 24.54 20.23
CA GLN B 274 -1.58 24.91 20.04
C GLN B 274 -1.98 24.33 18.70
N GLY B 275 -3.27 24.08 18.57
CA GLY B 275 -3.75 23.40 17.40
C GLY B 275 -5.07 23.99 16.97
N ALA B 276 -5.38 23.78 15.71
CA ALA B 276 -6.67 24.20 15.21
C ALA B 276 -7.00 23.39 13.99
N PRO B 277 -8.23 22.91 13.87
CA PRO B 277 -8.68 22.35 12.61
C PRO B 277 -8.93 23.46 11.63
N ILE B 278 -8.61 23.20 10.38
CA ILE B 278 -8.92 24.09 9.28
C ILE B 278 -9.93 23.35 8.43
N GLU B 279 -10.94 24.07 7.97
CA GLU B 279 -11.96 23.46 7.14
C GLU B 279 -11.37 23.26 5.76
N SER B 280 -10.78 22.09 5.55
CA SER B 280 -10.09 21.79 4.30
CA SER B 280 -10.18 21.75 4.27
CA SER B 280 -10.06 21.81 4.32
C SER B 280 -9.62 20.34 4.36
N GLY B 281 -9.19 19.84 3.21
CA GLY B 281 -8.53 18.56 3.16
C GLY B 281 -7.07 18.77 3.53
N HIS B 282 -6.25 17.94 2.95
CA HIS B 282 -4.86 17.88 3.36
C HIS B 282 -4.12 19.15 2.99
N PHE B 283 -4.54 19.84 1.91
CA PHE B 283 -3.68 20.88 1.30
C PHE B 283 -4.07 22.23 1.84
N LEU B 284 -3.90 22.38 3.15
CA LEU B 284 -4.40 23.57 3.83
C LEU B 284 -4.05 24.86 3.12
N PRO B 285 -2.82 25.09 2.69
CA PRO B 285 -2.48 26.42 2.13
C PRO B 285 -3.11 26.69 0.81
N GLU B 286 -3.61 25.66 0.15
CA GLU B 286 -4.29 25.84 -1.11
C GLU B 286 -5.78 25.68 -1.00
N GLU B 287 -6.26 24.75 -0.19
CA GLU B 287 -7.69 24.66 0.00
C GLU B 287 -8.25 25.73 0.89
N ALA B 288 -7.46 26.22 1.83
CA ALA B 288 -7.98 27.14 2.83
C ALA B 288 -6.95 28.22 3.06
N PRO B 289 -6.56 28.94 2.00
CA PRO B 289 -5.40 29.84 2.13
C PRO B 289 -5.60 30.93 3.15
N ASP B 290 -6.80 31.50 3.20
CA ASP B 290 -7.02 32.61 4.12
C ASP B 290 -6.99 32.13 5.54
N GLN B 291 -7.69 31.03 5.83
CA GLN B 291 -7.71 30.48 7.17
C GLN B 291 -6.32 30.03 7.58
N THR B 292 -5.58 29.42 6.66
CA THR B 292 -4.24 28.97 6.97
C THR B 292 -3.34 30.15 7.20
N ALA B 293 -3.45 31.15 6.34
CA ALA B 293 -2.55 32.27 6.40
C ALA B 293 -2.75 33.03 7.69
N GLU B 294 -4.02 33.23 8.05
CA GLU B 294 -4.33 33.93 9.28
C GLU B 294 -3.73 33.20 10.46
N ALA B 295 -3.97 31.89 10.50
CA ALA B 295 -3.52 31.13 11.66
C ALA B 295 -2.02 31.25 11.82
N LEU B 296 -1.31 31.23 10.69
CA LEU B 296 0.15 31.23 10.71
C LEU B 296 0.65 32.62 11.10
N VAL B 297 0.07 33.66 10.52
CA VAL B 297 0.49 35.00 10.91
C VAL B 297 0.19 35.22 12.37
N ARG B 298 -0.99 34.82 12.83
CA ARG B 298 -1.33 34.99 14.24
CA ARG B 298 -1.32 35.00 14.24
C ARG B 298 -0.31 34.29 15.13
N PHE B 299 0.01 33.03 14.80
CA PHE B 299 0.97 32.28 15.60
C PHE B 299 2.38 32.84 15.46
N PHE B 300 2.81 33.15 14.25
CA PHE B 300 4.22 33.52 14.10
C PHE B 300 4.51 34.97 14.47
N SER B 301 3.51 35.83 14.44
CA SER B 301 3.80 37.23 14.67
C SER B 301 3.57 37.57 16.15
C FAH C . -2.92 -13.63 -0.08
F FAH C . -1.71 -11.60 -0.96
O FAH C . -4.00 -13.34 -0.64
CH3 FAH C . -1.57 -12.88 -0.41
OXT FAH C . -2.78 -14.59 0.69
#